data_8EQF
#
_entry.id   8EQF
#
_cell.length_a   1.00
_cell.length_b   1.00
_cell.length_c   1.00
_cell.angle_alpha   90.00
_cell.angle_beta   90.00
_cell.angle_gamma   90.00
#
_symmetry.space_group_name_H-M   'P 1'
#
loop_
_entity.id
_entity.type
_entity.pdbx_description
1 polymer 'Spike protein S1'
2 polymer 'Fab heavy chain'
3 polymer 'Fab light chain'
4 branched 2-acetamido-2-deoxy-beta-D-glucopyranose-(1-4)-2-acetamido-2-deoxy-beta-D-glucopyranose
#
loop_
_entity_poly.entity_id
_entity_poly.type
_entity_poly.pdbx_seq_one_letter_code
_entity_poly.pdbx_strand_id
1 'polypeptide(L)'
;TNLCPFGEVFNATRFASVYAWNRKRISNCVADYSVLYNSASFSTFKCYGVSPTKLNDLCFTNVYADSFVIRGDEVRQIAP
GQTGKIADYNYKLPDDFTGCVIAWNSNNLDSKVGGNYNYLYRLFRKSNLKPFERDISTEIYQAGSTPCNGVEGFNCYFPL
QSYGFQPTNGVGYQPYRVVVLSFELLHAPATVCG
;
A
2 'polypeptide(L)'
;QVQLVESGGGVVQPGRSLRLSCAASGFTFSSYGMNWVRQAPGKGLEWVAIIWYDGNNKYYVDSVKGRFTISRDNSKNTLY
LQMNSLRAEDTAVYYCARKDYSKTYYGYYFDYWGQGTLVTVSS
;
H
3 'polypeptide(L)'
;DIQMTQSPSSLSASVGDRVTITCRASQSIHSFLNWYQQKPGKPPNLLIYAASSLQSGLPSRFSGSGSGTDFTLTISSLQP
EDFATYYCQQSYITPPTFGHGTKVEIK
;
L
#
# COMPACT_ATOMS: atom_id res chain seq x y z
N THR A 1 39.03 -29.57 0.21
CA THR A 1 38.70 -30.88 -0.34
C THR A 1 37.20 -31.16 -0.25
N ASN A 2 36.53 -30.42 0.64
CA ASN A 2 35.11 -30.63 0.96
C ASN A 2 34.30 -29.45 0.44
N LEU A 3 33.66 -29.63 -0.72
CA LEU A 3 32.94 -28.53 -1.35
C LEU A 3 31.89 -27.98 -0.39
N CYS A 4 31.84 -26.64 -0.30
CA CYS A 4 30.90 -26.01 0.61
C CYS A 4 29.47 -26.27 0.13
N PRO A 5 28.50 -26.27 1.04
CA PRO A 5 27.13 -26.64 0.68
C PRO A 5 26.36 -25.48 0.06
N PHE A 6 26.90 -24.91 -1.02
CA PHE A 6 26.19 -23.85 -1.73
C PHE A 6 25.00 -24.41 -2.49
N GLY A 7 25.06 -25.67 -2.92
CA GLY A 7 23.96 -26.27 -3.63
C GLY A 7 22.66 -26.09 -2.91
N GLU A 8 22.55 -26.67 -1.71
CA GLU A 8 21.30 -26.65 -0.97
C GLU A 8 20.84 -25.23 -0.65
N VAL A 9 21.75 -24.28 -0.51
CA VAL A 9 21.33 -22.89 -0.31
C VAL A 9 20.69 -22.35 -1.58
N PHE A 10 21.30 -22.59 -2.73
CA PHE A 10 20.76 -22.14 -4.01
C PHE A 10 19.85 -23.18 -4.67
N ASN A 11 19.78 -24.40 -4.13
CA ASN A 11 18.90 -25.44 -4.64
C ASN A 11 17.73 -25.74 -3.72
N ALA A 12 17.53 -24.93 -2.68
CA ALA A 12 16.49 -25.23 -1.70
C ALA A 12 15.12 -25.23 -2.37
N THR A 13 14.30 -26.24 -2.03
CA THR A 13 12.97 -26.34 -2.60
C THR A 13 11.98 -25.37 -1.95
N ARG A 14 12.27 -24.90 -0.74
CA ARG A 14 11.38 -24.00 -0.01
C ARG A 14 12.21 -22.87 0.57
N PHE A 15 12.08 -21.68 0.00
CA PHE A 15 12.79 -20.51 0.51
C PHE A 15 11.98 -19.84 1.59
N ALA A 16 12.67 -19.18 2.50
CA ALA A 16 12.02 -18.48 3.60
C ALA A 16 11.47 -17.14 3.13
N SER A 17 10.47 -16.66 3.84
CA SER A 17 9.93 -15.33 3.59
C SER A 17 10.95 -14.27 3.97
N VAL A 18 10.79 -13.09 3.38
CA VAL A 18 11.78 -12.04 3.60
C VAL A 18 11.80 -11.60 5.06
N TYR A 19 10.65 -11.62 5.74
CA TYR A 19 10.61 -11.24 7.14
C TYR A 19 11.22 -12.30 8.05
N ALA A 20 11.33 -13.53 7.58
CA ALA A 20 11.98 -14.60 8.33
C ALA A 20 13.13 -15.17 7.53
N TRP A 21 13.94 -14.29 6.94
CA TRP A 21 15.02 -14.73 6.06
C TRP A 21 15.93 -15.71 6.78
N ASN A 22 16.31 -16.77 6.07
CA ASN A 22 17.06 -17.87 6.67
C ASN A 22 18.54 -17.67 6.49
N ARG A 23 19.28 -17.72 7.59
CA ARG A 23 20.72 -17.50 7.58
C ARG A 23 21.43 -18.81 7.84
N LYS A 24 22.23 -19.24 6.88
CA LYS A 24 23.03 -20.46 6.99
C LYS A 24 24.50 -20.05 7.07
N ARG A 25 25.15 -20.37 8.17
CA ARG A 25 26.57 -20.10 8.30
C ARG A 25 27.36 -21.14 7.53
N ILE A 26 28.45 -20.71 6.90
CA ILE A 26 29.33 -21.59 6.15
C ILE A 26 30.71 -21.44 6.74
N SER A 27 31.28 -22.57 7.18
CA SER A 27 32.59 -22.62 7.80
C SER A 27 33.16 -24.02 7.60
N ASN A 28 34.49 -24.11 7.71
CA ASN A 28 35.20 -25.39 7.63
C ASN A 28 34.88 -26.13 6.34
N CYS A 29 34.90 -25.41 5.22
CA CYS A 29 34.79 -26.06 3.91
C CYS A 29 35.45 -25.17 2.87
N VAL A 30 35.72 -25.76 1.72
CA VAL A 30 36.35 -25.06 0.60
C VAL A 30 35.26 -24.68 -0.38
N ALA A 31 35.05 -23.38 -0.57
CA ALA A 31 33.98 -22.86 -1.40
C ALA A 31 34.55 -22.40 -2.73
N ASP A 32 34.01 -22.93 -3.82
CA ASP A 32 34.37 -22.50 -5.16
C ASP A 32 33.32 -21.52 -5.67
N TYR A 33 33.69 -20.26 -5.76
CA TYR A 33 32.84 -19.22 -6.34
C TYR A 33 33.05 -19.13 -7.84
N SER A 34 33.02 -20.29 -8.49
CA SER A 34 33.23 -20.41 -9.93
C SER A 34 32.02 -20.99 -10.64
N VAL A 35 31.34 -21.97 -10.02
CA VAL A 35 30.03 -22.37 -10.51
C VAL A 35 28.99 -21.32 -10.16
N LEU A 36 29.26 -20.49 -9.16
CA LEU A 36 28.27 -19.52 -8.71
C LEU A 36 28.23 -18.30 -9.62
N TYR A 37 29.38 -17.89 -10.16
CA TYR A 37 29.39 -16.70 -11.01
C TYR A 37 28.98 -17.05 -12.44
N ASN A 38 29.66 -18.00 -13.06
CA ASN A 38 29.43 -18.35 -14.45
C ASN A 38 28.24 -19.27 -14.63
N SER A 39 27.34 -19.36 -13.64
CA SER A 39 26.19 -20.24 -13.76
C SER A 39 25.35 -19.89 -14.98
N ALA A 40 25.37 -18.62 -15.39
CA ALA A 40 24.58 -18.17 -16.54
C ALA A 40 23.08 -18.37 -16.29
N SER A 41 22.68 -18.25 -15.03
CA SER A 41 21.27 -18.31 -14.66
C SER A 41 20.88 -17.25 -13.65
N PHE A 42 21.82 -16.44 -13.17
CA PHE A 42 21.54 -15.47 -12.12
C PHE A 42 21.26 -14.12 -12.76
N SER A 43 20.04 -13.61 -12.56
CA SER A 43 19.69 -12.29 -13.07
C SER A 43 20.58 -11.23 -12.46
N THR A 44 20.82 -11.30 -11.15
CA THR A 44 21.63 -10.32 -10.45
C THR A 44 22.76 -11.03 -9.72
N PHE A 45 23.98 -10.51 -9.89
CA PHE A 45 25.16 -11.00 -9.16
C PHE A 45 26.05 -9.77 -8.97
N LYS A 46 25.88 -9.10 -7.83
CA LYS A 46 26.58 -7.86 -7.56
C LYS A 46 27.35 -7.98 -6.26
N CYS A 47 28.66 -7.86 -6.33
CA CYS A 47 29.53 -8.03 -5.17
C CYS A 47 29.97 -6.68 -4.65
N TYR A 48 29.82 -6.48 -3.34
CA TYR A 48 30.18 -5.24 -2.68
C TYR A 48 31.44 -5.45 -1.86
N GLY A 49 32.41 -4.58 -2.04
CA GLY A 49 33.65 -4.61 -1.29
C GLY A 49 34.72 -5.50 -1.85
N VAL A 50 34.36 -6.71 -2.27
CA VAL A 50 35.30 -7.70 -2.76
C VAL A 50 34.93 -8.05 -4.19
N SER A 51 35.91 -8.01 -5.09
CA SER A 51 35.63 -8.25 -6.49
C SER A 51 35.19 -9.70 -6.71
N PRO A 52 34.27 -9.94 -7.62
CA PRO A 52 33.81 -11.34 -7.82
C PRO A 52 34.92 -12.27 -8.28
N THR A 53 35.82 -11.80 -9.14
CA THR A 53 36.88 -12.65 -9.65
C THR A 53 38.02 -12.83 -8.65
N LYS A 54 38.16 -11.93 -7.68
CA LYS A 54 39.25 -11.97 -6.73
C LYS A 54 38.88 -12.61 -5.41
N LEU A 55 37.59 -12.73 -5.08
CA LEU A 55 37.18 -13.41 -3.86
C LEU A 55 37.33 -14.92 -3.94
N ASN A 56 37.64 -15.45 -5.13
CA ASN A 56 37.84 -16.88 -5.27
C ASN A 56 39.10 -17.33 -4.55
N ASP A 57 39.95 -16.39 -4.15
CA ASP A 57 41.14 -16.71 -3.37
C ASP A 57 41.21 -16.02 -2.01
N LEU A 58 40.42 -14.97 -1.77
CA LEU A 58 40.32 -14.40 -0.44
C LEU A 58 39.81 -15.44 0.54
N CYS A 59 40.47 -15.59 1.68
CA CYS A 59 40.09 -16.58 2.68
C CYS A 59 39.41 -15.90 3.85
N PHE A 60 38.26 -16.43 4.25
CA PHE A 60 37.39 -15.79 5.22
C PHE A 60 37.11 -16.73 6.39
N THR A 61 36.84 -16.13 7.55
CA THR A 61 36.52 -16.92 8.74
C THR A 61 35.13 -17.53 8.65
N ASN A 62 34.12 -16.72 8.29
CA ASN A 62 32.76 -17.20 8.16
C ASN A 62 32.13 -16.59 6.92
N VAL A 63 31.21 -17.33 6.31
CA VAL A 63 30.44 -16.83 5.19
C VAL A 63 28.96 -17.09 5.46
N TYR A 64 28.20 -16.03 5.70
CA TYR A 64 26.78 -16.17 5.99
C TYR A 64 25.98 -16.06 4.70
N ALA A 65 25.21 -17.09 4.39
CA ALA A 65 24.31 -17.07 3.24
C ALA A 65 22.91 -16.81 3.77
N ASP A 66 22.36 -15.64 3.47
CA ASP A 66 21.02 -15.26 3.90
C ASP A 66 20.08 -15.36 2.70
N SER A 67 19.12 -16.28 2.78
CA SER A 67 18.23 -16.58 1.68
C SER A 67 16.81 -16.13 2.00
N PHE A 68 16.12 -15.64 0.98
CA PHE A 68 14.70 -15.28 1.09
C PHE A 68 14.14 -15.09 -0.32
N VAL A 69 12.88 -14.70 -0.39
CA VAL A 69 12.17 -14.48 -1.65
C VAL A 69 11.51 -13.10 -1.60
N ILE A 70 11.69 -12.33 -2.66
CA ILE A 70 11.11 -10.99 -2.77
C ILE A 70 10.57 -10.83 -4.19
N ARG A 71 10.11 -9.62 -4.49
CA ARG A 71 9.65 -9.30 -5.84
C ARG A 71 10.81 -8.81 -6.69
N GLY A 72 10.58 -8.76 -8.01
CA GLY A 72 11.63 -8.33 -8.92
C GLY A 72 12.01 -6.87 -8.74
N ASP A 73 11.02 -6.00 -8.58
CA ASP A 73 11.28 -4.58 -8.43
C ASP A 73 11.96 -4.25 -7.10
N GLU A 74 12.01 -5.20 -6.17
CA GLU A 74 12.57 -4.99 -4.85
C GLU A 74 14.00 -5.51 -4.72
N VAL A 75 14.57 -6.07 -5.78
CA VAL A 75 15.94 -6.56 -5.72
C VAL A 75 16.91 -5.41 -5.53
N ARG A 76 16.63 -4.25 -6.11
CA ARG A 76 17.50 -3.10 -5.94
C ARG A 76 17.63 -2.69 -4.48
N GLN A 77 16.68 -3.07 -3.63
CA GLN A 77 16.73 -2.69 -2.22
C GLN A 77 17.67 -3.57 -1.40
N ILE A 78 18.13 -4.69 -1.94
CA ILE A 78 19.12 -5.52 -1.24
C ILE A 78 20.48 -4.98 -1.69
N ALA A 79 20.90 -3.91 -1.02
CA ALA A 79 22.13 -3.22 -1.36
C ALA A 79 22.40 -2.18 -0.29
N PRO A 80 23.66 -1.83 -0.03
CA PRO A 80 23.96 -0.88 1.03
C PRO A 80 23.35 0.48 0.75
N GLY A 81 22.89 1.14 1.82
CA GLY A 81 22.36 2.48 1.70
C GLY A 81 21.14 2.58 0.82
N GLN A 82 20.18 1.67 1.00
CA GLN A 82 18.94 1.67 0.23
C GLN A 82 17.77 1.83 1.19
N THR A 83 16.78 2.60 0.76
CA THR A 83 15.58 2.85 1.54
C THR A 83 14.39 2.23 0.83
N GLY A 84 13.57 1.50 1.59
CA GLY A 84 12.41 0.84 1.02
C GLY A 84 11.75 -0.01 2.08
N LYS A 85 10.57 -0.53 1.72
CA LYS A 85 9.81 -1.34 2.67
C LYS A 85 10.51 -2.65 2.99
N ILE A 86 11.47 -3.08 2.17
CA ILE A 86 12.27 -4.26 2.48
C ILE A 86 13.59 -3.88 3.11
N ALA A 87 14.24 -2.84 2.61
CA ALA A 87 15.48 -2.38 3.22
C ALA A 87 15.22 -1.88 4.64
N ASP A 88 14.06 -1.26 4.88
CA ASP A 88 13.81 -0.64 6.16
C ASP A 88 13.19 -1.60 7.16
N TYR A 89 12.27 -2.45 6.72
CA TYR A 89 11.46 -3.22 7.65
C TYR A 89 11.67 -4.73 7.60
N ASN A 90 12.28 -5.26 6.55
CA ASN A 90 12.48 -6.71 6.44
C ASN A 90 13.96 -7.10 6.49
N TYR A 91 14.80 -6.58 5.61
CA TYR A 91 16.18 -7.02 5.51
C TYR A 91 17.07 -5.84 5.18
N LYS A 92 18.00 -5.52 6.08
CA LYS A 92 18.86 -4.36 5.98
C LYS A 92 20.31 -4.79 5.80
N LEU A 93 20.97 -4.25 4.80
CA LEU A 93 22.38 -4.55 4.59
C LEU A 93 23.24 -3.36 5.05
N PRO A 94 24.37 -3.60 5.71
CA PRO A 94 25.16 -2.49 6.22
C PRO A 94 25.73 -1.63 5.10
N ASP A 95 25.90 -0.34 5.41
CA ASP A 95 26.42 0.59 4.42
C ASP A 95 27.82 0.19 3.96
N ASP A 96 28.62 -0.37 4.87
CA ASP A 96 29.93 -0.91 4.55
C ASP A 96 29.87 -2.42 4.30
N PHE A 97 28.98 -2.84 3.42
CA PHE A 97 28.81 -4.26 3.15
C PHE A 97 30.02 -4.80 2.41
N THR A 98 30.46 -5.99 2.79
CA THR A 98 31.62 -6.65 2.19
C THR A 98 31.26 -8.05 1.71
N GLY A 99 30.16 -8.15 0.96
CA GLY A 99 29.72 -9.43 0.45
C GLY A 99 29.19 -9.33 -0.96
N CYS A 100 28.30 -10.25 -1.32
CA CYS A 100 27.70 -10.31 -2.64
C CYS A 100 26.20 -10.55 -2.51
N VAL A 101 25.47 -10.13 -3.54
CA VAL A 101 24.03 -10.31 -3.61
C VAL A 101 23.73 -11.02 -4.90
N ILE A 102 23.02 -12.14 -4.82
CA ILE A 102 22.65 -12.95 -5.97
C ILE A 102 21.13 -13.07 -5.97
N ALA A 103 20.54 -12.99 -7.15
CA ALA A 103 19.09 -13.07 -7.27
C ALA A 103 18.72 -13.64 -8.62
N TRP A 104 17.70 -14.49 -8.62
CA TRP A 104 17.25 -15.08 -9.88
C TRP A 104 15.73 -15.26 -9.88
N ASN A 105 15.17 -15.22 -11.09
CA ASN A 105 13.73 -15.27 -11.28
C ASN A 105 13.19 -16.64 -10.89
N SER A 106 11.94 -16.66 -10.41
CA SER A 106 11.33 -17.87 -9.90
C SER A 106 9.85 -18.00 -10.22
N ASN A 107 9.39 -17.53 -11.38
CA ASN A 107 8.01 -17.78 -11.78
C ASN A 107 7.75 -19.27 -11.86
N ASN A 108 8.81 -20.05 -12.01
CA ASN A 108 8.73 -21.49 -12.06
C ASN A 108 9.05 -22.00 -10.66
N LEU A 109 8.17 -22.88 -10.15
CA LEU A 109 8.31 -23.47 -8.83
C LEU A 109 7.81 -22.57 -7.71
N ASP A 110 7.39 -21.34 -8.03
CA ASP A 110 6.97 -20.43 -6.98
C ASP A 110 5.83 -19.49 -7.34
N SER A 111 5.08 -19.78 -8.39
CA SER A 111 4.04 -18.86 -8.86
C SER A 111 2.77 -19.61 -9.21
N LYS A 112 2.30 -20.46 -8.30
CA LYS A 112 1.09 -21.25 -8.55
C LYS A 112 -0.01 -20.39 -9.15
N VAL A 113 -0.83 -21.02 -9.99
CA VAL A 113 -1.89 -20.28 -10.70
C VAL A 113 -2.85 -19.64 -9.72
N GLY A 114 -3.30 -20.41 -8.72
CA GLY A 114 -4.21 -19.88 -7.73
C GLY A 114 -3.62 -18.77 -6.89
N GLY A 115 -2.30 -18.61 -6.92
CA GLY A 115 -1.65 -17.59 -6.14
C GLY A 115 -0.89 -18.14 -4.95
N ASN A 116 0.42 -17.93 -4.91
CA ASN A 116 1.25 -18.41 -3.82
C ASN A 116 1.32 -17.32 -2.76
N TYR A 117 0.62 -17.54 -1.65
CA TYR A 117 0.59 -16.59 -0.54
C TYR A 117 1.43 -17.06 0.65
N ASN A 118 2.24 -18.10 0.47
CA ASN A 118 3.06 -18.58 1.56
C ASN A 118 4.16 -17.59 1.94
N TYR A 119 4.40 -16.57 1.14
CA TYR A 119 5.47 -15.61 1.39
C TYR A 119 4.90 -14.31 1.88
N LEU A 120 5.46 -13.80 2.98
CA LEU A 120 5.00 -12.60 3.65
C LEU A 120 6.13 -11.60 3.73
N TYR A 121 5.79 -10.32 3.60
CA TYR A 121 6.72 -9.23 3.82
C TYR A 121 6.11 -8.26 4.82
N ARG A 122 6.97 -7.61 5.59
CA ARG A 122 6.50 -6.71 6.64
C ARG A 122 6.18 -5.34 6.06
N LEU A 123 4.94 -4.90 6.25
CA LEU A 123 4.52 -3.58 5.78
C LEU A 123 4.89 -2.47 6.75
N PHE A 124 4.81 -2.75 8.05
CA PHE A 124 4.91 -1.72 9.06
C PHE A 124 5.89 -2.14 10.15
N ARG A 125 6.53 -1.14 10.76
CA ARG A 125 7.34 -1.36 11.94
C ARG A 125 7.53 -0.03 12.66
N LYS A 126 7.74 -0.12 13.96
CA LYS A 126 7.93 1.09 14.75
C LYS A 126 9.19 1.83 14.32
N SER A 127 10.27 1.09 14.06
CA SER A 127 11.54 1.70 13.67
C SER A 127 12.22 0.81 12.64
N ASN A 128 13.10 1.42 11.86
CA ASN A 128 13.82 0.70 10.82
C ASN A 128 14.77 -0.32 11.44
N LEU A 129 14.96 -1.43 10.73
CA LEU A 129 15.85 -2.47 11.20
C LEU A 129 17.30 -2.02 11.17
N LYS A 130 18.03 -2.36 12.21
CA LYS A 130 19.46 -2.22 12.18
C LYS A 130 20.05 -3.27 11.24
N PRO A 131 21.26 -3.07 10.74
CA PRO A 131 21.80 -4.02 9.77
C PRO A 131 21.78 -5.44 10.30
N PHE A 132 21.33 -6.37 9.45
CA PHE A 132 21.24 -7.78 9.79
C PHE A 132 20.43 -7.98 11.07
N GLU A 133 19.16 -7.60 10.99
CA GLU A 133 18.20 -7.82 12.07
C GLU A 133 17.03 -8.63 11.53
N ARG A 134 16.58 -9.58 12.33
CA ARG A 134 15.51 -10.50 11.96
C ARG A 134 14.36 -10.31 12.93
N ASP A 135 13.23 -9.80 12.44
CA ASP A 135 12.06 -9.53 13.25
C ASP A 135 10.93 -10.45 12.79
N ILE A 136 10.65 -11.49 13.56
CA ILE A 136 9.60 -12.43 13.26
C ILE A 136 8.41 -12.26 14.19
N SER A 137 8.28 -11.09 14.81
CA SER A 137 7.18 -10.81 15.72
C SER A 137 5.95 -10.36 14.93
N THR A 138 4.81 -10.90 15.29
CA THR A 138 3.54 -10.61 14.62
C THR A 138 2.62 -9.77 15.49
N GLU A 139 3.20 -8.84 16.25
CA GLU A 139 2.40 -7.94 17.07
C GLU A 139 1.69 -6.92 16.18
N ILE A 140 0.48 -6.54 16.58
CA ILE A 140 -0.34 -5.65 15.77
C ILE A 140 0.29 -4.27 15.74
N TYR A 141 0.33 -3.67 14.54
CA TYR A 141 0.93 -2.36 14.39
C TYR A 141 -0.08 -1.28 14.73
N GLN A 142 0.31 -0.39 15.62
CA GLN A 142 -0.56 0.68 16.11
C GLN A 142 -0.21 1.95 15.34
N ALA A 143 -0.92 2.17 14.23
CA ALA A 143 -0.72 3.38 13.45
C ALA A 143 -1.29 4.60 14.15
N GLY A 144 -2.47 4.46 14.77
CA GLY A 144 -3.11 5.55 15.46
C GLY A 144 -2.63 5.69 16.90
N SER A 145 -3.24 6.64 17.60
CA SER A 145 -2.92 6.89 19.00
C SER A 145 -3.68 5.99 19.96
N THR A 146 -4.70 5.27 19.48
CA THR A 146 -5.48 4.41 20.35
C THR A 146 -4.78 3.06 20.49
N PRO A 147 -4.44 2.61 21.70
CA PRO A 147 -3.83 1.29 21.84
C PRO A 147 -4.73 0.20 21.30
N CYS A 148 -4.12 -0.75 20.60
CA CYS A 148 -4.89 -1.81 19.95
C CYS A 148 -5.35 -2.88 20.92
N ASN A 149 -4.54 -3.18 21.93
CA ASN A 149 -4.83 -4.27 22.86
C ASN A 149 -4.93 -5.61 22.12
N GLY A 150 -4.09 -5.79 21.12
CA GLY A 150 -3.92 -7.09 20.50
C GLY A 150 -5.07 -7.56 19.65
N VAL A 151 -5.89 -6.65 19.13
CA VAL A 151 -6.98 -7.00 18.23
C VAL A 151 -6.83 -6.18 16.96
N GLU A 152 -7.06 -6.83 15.82
CA GLU A 152 -6.93 -6.18 14.53
C GLU A 152 -8.17 -5.32 14.27
N GLY A 153 -7.94 -4.03 14.09
CA GLY A 153 -9.04 -3.10 13.86
C GLY A 153 -8.58 -1.84 13.15
N PHE A 154 -9.42 -0.80 13.19
CA PHE A 154 -9.04 0.45 12.58
C PHE A 154 -7.76 0.97 13.21
N ASN A 155 -6.83 1.41 12.37
CA ASN A 155 -5.53 1.89 12.83
C ASN A 155 -4.80 0.83 13.66
N CYS A 156 -5.05 -0.44 13.35
CA CYS A 156 -4.38 -1.55 14.04
C CYS A 156 -4.25 -2.68 13.02
N TYR A 157 -3.10 -2.76 12.38
CA TYR A 157 -2.91 -3.65 11.22
C TYR A 157 -1.91 -4.74 11.54
N PHE A 158 -2.10 -5.88 10.87
CA PHE A 158 -1.13 -6.97 10.96
C PHE A 158 0.09 -6.62 10.13
N PRO A 159 1.30 -6.63 10.71
CA PRO A 159 2.45 -6.14 9.95
C PRO A 159 2.72 -6.90 8.67
N LEU A 160 2.47 -8.20 8.64
CA LEU A 160 2.86 -9.04 7.52
C LEU A 160 1.75 -9.11 6.49
N GLN A 161 2.12 -8.95 5.22
CA GLN A 161 1.20 -9.07 4.10
C GLN A 161 1.77 -10.04 3.09
N SER A 162 0.89 -10.80 2.44
CA SER A 162 1.33 -11.84 1.53
C SER A 162 1.62 -11.27 0.15
N TYR A 163 2.70 -11.74 -0.45
CA TYR A 163 3.01 -11.37 -1.83
C TYR A 163 1.99 -11.98 -2.77
N GLY A 164 1.52 -11.18 -3.71
CA GLY A 164 0.62 -11.69 -4.72
C GLY A 164 1.39 -12.23 -5.89
N PHE A 165 1.62 -13.55 -5.92
CA PHE A 165 2.41 -14.19 -6.96
C PHE A 165 1.49 -14.95 -7.88
N GLN A 166 1.43 -14.52 -9.14
CA GLN A 166 0.61 -15.15 -10.16
C GLN A 166 1.47 -15.43 -11.38
N PRO A 167 1.10 -16.43 -12.19
CA PRO A 167 1.86 -16.72 -13.40
C PRO A 167 1.69 -15.69 -14.51
N THR A 168 0.99 -14.60 -14.26
CA THR A 168 0.76 -13.56 -15.26
C THR A 168 1.36 -12.22 -14.86
N ASN A 169 1.98 -12.13 -13.68
CA ASN A 169 2.48 -10.84 -13.21
C ASN A 169 3.63 -10.37 -14.08
N GLY A 170 3.80 -9.05 -14.14
CA GLY A 170 4.92 -8.47 -14.83
C GLY A 170 6.22 -8.74 -14.11
N VAL A 171 7.32 -8.70 -14.89
CA VAL A 171 8.63 -9.02 -14.35
C VAL A 171 8.87 -8.29 -13.04
N GLY A 172 8.34 -7.07 -12.91
CA GLY A 172 8.49 -6.35 -11.65
C GLY A 172 7.82 -7.01 -10.48
N TYR A 173 6.75 -7.77 -10.72
CA TYR A 173 5.98 -8.41 -9.66
C TYR A 173 6.25 -9.90 -9.55
N GLN A 174 7.09 -10.47 -10.41
CA GLN A 174 7.35 -11.90 -10.38
C GLN A 174 8.31 -12.24 -9.25
N PRO A 175 8.25 -13.47 -8.74
CA PRO A 175 9.06 -13.82 -7.56
C PRO A 175 10.52 -14.02 -7.92
N TYR A 176 11.39 -13.39 -7.13
CA TYR A 176 12.84 -13.54 -7.27
C TYR A 176 13.39 -14.12 -5.97
N ARG A 177 14.17 -15.18 -6.09
CA ARG A 177 14.88 -15.74 -4.95
C ARG A 177 16.21 -15.02 -4.79
N VAL A 178 16.52 -14.62 -3.56
CA VAL A 178 17.68 -13.79 -3.27
C VAL A 178 18.54 -14.48 -2.21
N VAL A 179 19.85 -14.52 -2.46
CA VAL A 179 20.84 -15.04 -1.53
C VAL A 179 21.92 -13.99 -1.36
N VAL A 180 22.13 -13.55 -0.12
CA VAL A 180 23.12 -12.53 0.20
C VAL A 180 24.24 -13.21 0.97
N LEU A 181 25.44 -13.19 0.40
CA LEU A 181 26.62 -13.77 1.02
C LEU A 181 27.38 -12.67 1.74
N SER A 182 27.63 -12.86 3.03
CA SER A 182 28.38 -11.94 3.86
C SER A 182 29.69 -12.63 4.23
N PHE A 183 30.79 -12.15 3.66
CA PHE A 183 32.10 -12.71 3.90
C PHE A 183 32.75 -11.91 5.02
N GLU A 184 32.96 -12.53 6.17
CA GLU A 184 33.44 -11.81 7.34
C GLU A 184 34.79 -12.35 7.79
N LEU A 185 35.61 -11.45 8.30
CA LEU A 185 36.89 -11.77 8.92
C LEU A 185 36.82 -11.43 10.40
N LEU A 186 37.54 -12.21 11.21
CA LEU A 186 37.71 -11.93 12.62
C LEU A 186 39.10 -12.40 13.02
N HIS A 187 39.37 -12.41 14.32
CA HIS A 187 40.66 -12.90 14.80
C HIS A 187 40.79 -14.41 14.65
N ALA A 188 39.70 -15.13 14.38
CA ALA A 188 39.76 -16.56 14.21
C ALA A 188 40.40 -16.90 12.87
N PRO A 189 40.95 -18.10 12.73
CA PRO A 189 41.59 -18.48 11.46
C PRO A 189 40.57 -18.54 10.33
N ALA A 190 41.05 -18.28 9.12
CA ALA A 190 40.20 -18.29 7.94
C ALA A 190 39.90 -19.73 7.56
N THR A 191 38.68 -20.18 7.81
CA THR A 191 38.26 -21.53 7.49
C THR A 191 37.51 -21.63 6.17
N VAL A 192 37.38 -20.54 5.43
CA VAL A 192 36.66 -20.54 4.15
C VAL A 192 37.63 -20.08 3.07
N CYS A 193 37.85 -20.93 2.07
CA CYS A 193 38.78 -20.64 0.97
C CYS A 193 38.24 -21.32 -0.28
N GLY A 194 39.04 -21.28 -1.35
CA GLY A 194 38.63 -21.87 -2.62
C GLY A 194 39.79 -22.23 -3.53
N VAL B 2 -24.22 -1.82 -10.92
CA VAL B 2 -24.09 -1.44 -9.52
C VAL B 2 -24.57 -0.01 -9.32
N GLN B 3 -25.61 0.14 -8.50
CA GLN B 3 -26.23 1.44 -8.26
C GLN B 3 -26.34 1.67 -6.76
N LEU B 4 -26.08 2.91 -6.36
CA LEU B 4 -26.29 3.35 -4.97
C LEU B 4 -27.11 4.64 -5.03
N VAL B 5 -28.37 4.55 -4.61
CA VAL B 5 -29.31 5.66 -4.70
C VAL B 5 -29.58 6.17 -3.30
N GLU B 6 -29.37 7.46 -3.08
CA GLU B 6 -29.56 8.08 -1.78
C GLU B 6 -30.93 8.73 -1.69
N SER B 7 -31.38 8.93 -0.45
CA SER B 7 -32.67 9.54 -0.17
C SER B 7 -32.66 10.03 1.27
N GLY B 8 -33.66 10.82 1.61
CA GLY B 8 -33.85 11.32 2.96
C GLY B 8 -33.34 12.72 3.22
N GLY B 9 -32.60 13.29 2.28
CA GLY B 9 -32.11 14.64 2.46
C GLY B 9 -33.21 15.68 2.30
N GLY B 10 -32.87 16.89 2.67
CA GLY B 10 -33.81 18.00 2.57
C GLY B 10 -33.39 19.13 3.47
N VAL B 11 -34.37 19.97 3.82
CA VAL B 11 -34.16 21.09 4.73
C VAL B 11 -34.56 20.62 6.12
N VAL B 12 -33.65 20.78 7.08
CA VAL B 12 -33.88 20.40 8.47
C VAL B 12 -33.46 21.56 9.35
N GLN B 13 -34.29 21.87 10.34
CA GLN B 13 -33.99 22.97 11.24
C GLN B 13 -32.75 22.65 12.07
N PRO B 14 -31.94 23.65 12.42
CA PRO B 14 -30.79 23.39 13.29
C PRO B 14 -31.22 22.77 14.61
N GLY B 15 -30.43 21.82 15.09
CA GLY B 15 -30.73 21.11 16.31
C GLY B 15 -31.67 19.94 16.17
N ARG B 16 -32.26 19.74 15.00
CA ARG B 16 -33.18 18.64 14.78
C ARG B 16 -32.41 17.43 14.25
N SER B 17 -33.12 16.43 13.74
CA SER B 17 -32.51 15.19 13.29
C SER B 17 -33.03 14.83 11.90
N LEU B 18 -32.29 13.92 11.26
CA LEU B 18 -32.62 13.44 9.93
C LEU B 18 -32.04 12.04 9.79
N ARG B 19 -32.49 11.30 8.78
CA ARG B 19 -31.98 9.97 8.50
C ARG B 19 -31.80 9.82 7.00
N LEU B 20 -30.56 9.73 6.56
CA LEU B 20 -30.24 9.50 5.16
C LEU B 20 -30.19 8.01 4.88
N SER B 21 -30.77 7.60 3.76
CA SER B 21 -30.81 6.21 3.36
C SER B 21 -30.11 6.06 2.02
N CYS B 22 -29.54 4.87 1.80
CA CYS B 22 -28.84 4.56 0.56
C CYS B 22 -29.20 3.11 0.20
N ALA B 23 -29.97 2.97 -0.87
CA ALA B 23 -30.32 1.64 -1.38
C ALA B 23 -29.30 1.22 -2.42
N ALA B 24 -28.80 -0.01 -2.27
CA ALA B 24 -27.74 -0.53 -3.12
C ALA B 24 -28.27 -1.71 -3.92
N SER B 25 -27.86 -1.78 -5.19
CA SER B 25 -28.27 -2.86 -6.06
C SER B 25 -27.12 -3.18 -7.00
N GLY B 26 -27.16 -4.38 -7.57
CA GLY B 26 -26.13 -4.82 -8.49
C GLY B 26 -24.97 -5.54 -7.86
N PHE B 27 -24.98 -5.76 -6.55
CA PHE B 27 -23.90 -6.50 -5.90
C PHE B 27 -24.39 -7.01 -4.56
N THR B 28 -23.68 -8.00 -4.02
CA THR B 28 -24.01 -8.51 -2.70
C THR B 28 -23.67 -7.46 -1.65
N PHE B 29 -24.64 -7.18 -0.78
CA PHE B 29 -24.47 -6.09 0.19
C PHE B 29 -23.58 -6.51 1.36
N SER B 30 -23.78 -7.72 1.87
CA SER B 30 -23.11 -8.15 3.09
C SER B 30 -21.70 -8.64 2.80
N SER B 31 -21.00 -7.97 1.89
CA SER B 31 -19.60 -8.27 1.62
C SER B 31 -18.76 -7.02 1.46
N TYR B 32 -19.36 -5.84 1.56
CA TYR B 32 -18.68 -4.59 1.25
C TYR B 32 -18.86 -3.62 2.42
N GLY B 33 -17.77 -3.05 2.89
CA GLY B 33 -17.86 -1.92 3.79
C GLY B 33 -18.44 -0.72 3.07
N MET B 34 -19.12 0.13 3.83
CA MET B 34 -19.79 1.27 3.25
C MET B 34 -19.37 2.55 3.98
N ASN B 35 -19.50 3.67 3.28
CA ASN B 35 -18.99 4.96 3.73
C ASN B 35 -19.98 6.05 3.41
N TRP B 36 -19.95 7.09 4.24
CA TRP B 36 -20.65 8.33 3.96
C TRP B 36 -19.63 9.44 3.85
N VAL B 37 -19.65 10.15 2.72
CA VAL B 37 -18.73 11.24 2.42
C VAL B 37 -19.55 12.45 2.01
N ARG B 38 -19.30 13.60 2.64
CA ARG B 38 -20.08 14.80 2.38
C ARG B 38 -19.23 15.86 1.72
N GLN B 39 -19.88 16.63 0.84
CA GLN B 39 -19.25 17.75 0.14
C GLN B 39 -20.08 18.99 0.40
N ALA B 40 -19.53 19.95 1.13
CA ALA B 40 -20.20 21.21 1.32
C ALA B 40 -20.15 22.02 0.03
N PRO B 41 -21.12 22.89 -0.22
CA PRO B 41 -21.13 23.64 -1.47
C PRO B 41 -19.83 24.43 -1.65
N GLY B 42 -19.21 24.27 -2.81
CA GLY B 42 -18.00 24.98 -3.10
C GLY B 42 -16.81 24.59 -2.26
N LYS B 43 -16.81 23.36 -1.72
CA LYS B 43 -15.70 22.88 -0.92
C LYS B 43 -15.40 21.45 -1.31
N GLY B 44 -14.30 20.93 -0.80
CA GLY B 44 -13.85 19.61 -1.13
C GLY B 44 -14.59 18.54 -0.38
N LEU B 45 -14.31 17.29 -0.75
CA LEU B 45 -14.95 16.16 -0.11
C LEU B 45 -14.47 16.02 1.33
N GLU B 46 -15.37 15.61 2.21
CA GLU B 46 -15.07 15.38 3.61
C GLU B 46 -15.67 14.05 4.02
N TRP B 47 -14.80 13.10 4.36
CA TRP B 47 -15.26 11.80 4.83
C TRP B 47 -16.05 11.95 6.12
N VAL B 48 -17.20 11.30 6.19
CA VAL B 48 -18.12 11.43 7.32
C VAL B 48 -18.07 10.19 8.22
N ALA B 49 -18.31 9.00 7.65
CA ALA B 49 -18.37 7.81 8.48
C ALA B 49 -18.09 6.56 7.66
N ILE B 50 -17.76 5.48 8.37
CA ILE B 50 -17.51 4.17 7.77
C ILE B 50 -18.15 3.09 8.64
N ILE B 51 -18.78 2.12 8.00
CA ILE B 51 -19.26 0.91 8.65
C ILE B 51 -18.69 -0.29 7.92
N TRP B 52 -18.07 -1.20 8.66
CA TRP B 52 -17.43 -2.36 8.09
C TRP B 52 -18.47 -3.43 7.75
N TYR B 53 -18.06 -4.41 6.95
CA TYR B 53 -19.00 -5.41 6.46
C TYR B 53 -19.46 -6.37 7.54
N ASP B 54 -18.83 -6.37 8.71
CA ASP B 54 -19.24 -7.25 9.80
C ASP B 54 -20.37 -6.67 10.64
N GLY B 55 -20.69 -5.39 10.46
CA GLY B 55 -21.76 -4.76 11.20
C GLY B 55 -21.41 -4.34 12.61
N ASN B 56 -20.14 -4.46 13.01
CA ASN B 56 -19.71 -4.10 14.36
C ASN B 56 -18.74 -2.93 14.39
N ASN B 57 -17.85 -2.82 13.40
CA ASN B 57 -16.82 -1.80 13.39
C ASN B 57 -17.35 -0.56 12.67
N LYS B 58 -17.51 0.53 13.40
CA LYS B 58 -17.97 1.79 12.84
C LYS B 58 -17.02 2.90 13.28
N TYR B 59 -16.61 3.74 12.33
CA TYR B 59 -15.71 4.85 12.63
C TYR B 59 -16.32 6.15 12.11
N TYR B 60 -16.08 7.22 12.85
CA TYR B 60 -16.64 8.53 12.56
C TYR B 60 -15.53 9.57 12.54
N VAL B 61 -15.80 10.67 11.85
CA VAL B 61 -14.87 11.79 11.83
C VAL B 61 -15.23 12.76 12.93
N ASP B 62 -14.25 13.57 13.34
CA ASP B 62 -14.50 14.57 14.36
C ASP B 62 -15.51 15.60 13.86
N SER B 63 -16.26 16.15 14.81
CA SER B 63 -17.40 17.04 14.54
C SER B 63 -18.62 16.27 14.08
N VAL B 64 -18.51 14.96 13.93
CA VAL B 64 -19.63 14.11 13.53
C VAL B 64 -19.83 13.03 14.59
N LYS B 65 -18.76 12.71 15.31
CA LYS B 65 -18.84 11.70 16.35
C LYS B 65 -19.68 12.20 17.51
N GLY B 66 -20.51 11.31 18.05
CA GLY B 66 -21.43 11.66 19.11
C GLY B 66 -22.78 12.16 18.62
N ARG B 67 -22.89 12.50 17.34
CA ARG B 67 -24.15 12.93 16.75
C ARG B 67 -24.68 11.95 15.74
N PHE B 68 -23.87 11.60 14.75
CA PHE B 68 -24.30 10.75 13.64
C PHE B 68 -24.11 9.29 14.02
N THR B 69 -25.01 8.43 13.53
CA THR B 69 -24.92 6.99 13.76
C THR B 69 -25.02 6.30 12.41
N ILE B 70 -23.93 5.66 11.98
CA ILE B 70 -23.96 4.90 10.74
C ILE B 70 -24.37 3.46 11.04
N SER B 71 -25.27 2.93 10.22
CA SER B 71 -25.75 1.58 10.40
C SER B 71 -26.12 1.00 9.05
N ARG B 72 -26.37 -0.30 9.03
CA ARG B 72 -26.76 -0.98 7.80
C ARG B 72 -27.76 -2.07 8.13
N ASP B 73 -28.72 -2.28 7.24
CA ASP B 73 -29.68 -3.38 7.34
C ASP B 73 -29.38 -4.30 6.16
N ASN B 74 -28.45 -5.23 6.38
CA ASN B 74 -28.02 -6.12 5.31
C ASN B 74 -29.17 -6.95 4.76
N SER B 75 -30.23 -7.13 5.54
CA SER B 75 -31.40 -7.87 5.05
C SER B 75 -32.24 -7.06 4.09
N LYS B 76 -32.15 -5.73 4.13
CA LYS B 76 -32.90 -4.86 3.25
C LYS B 76 -32.04 -4.21 2.18
N ASN B 77 -30.73 -4.48 2.18
CA ASN B 77 -29.81 -3.84 1.24
C ASN B 77 -29.89 -2.32 1.34
N THR B 78 -29.82 -1.82 2.57
CA THR B 78 -29.91 -0.38 2.82
C THR B 78 -28.85 0.04 3.83
N LEU B 79 -28.32 1.25 3.63
CA LEU B 79 -27.34 1.86 4.51
C LEU B 79 -27.92 3.16 5.05
N TYR B 80 -27.88 3.33 6.37
CA TYR B 80 -28.46 4.48 7.03
C TYR B 80 -27.39 5.40 7.60
N LEU B 81 -27.76 6.66 7.78
CA LEU B 81 -26.97 7.62 8.53
C LEU B 81 -27.96 8.46 9.33
N GLN B 82 -28.00 8.23 10.64
CA GLN B 82 -28.90 8.95 11.53
C GLN B 82 -28.17 10.19 12.01
N MET B 83 -28.48 11.33 11.40
CA MET B 83 -27.83 12.61 11.71
C MET B 83 -28.65 13.31 12.79
N ASN B 84 -28.16 13.27 14.03
CA ASN B 84 -28.84 13.91 15.15
C ASN B 84 -28.12 15.20 15.52
N SER B 85 -28.84 16.06 16.24
CA SER B 85 -28.30 17.33 16.72
C SER B 85 -27.51 18.03 15.62
N LEU B 86 -28.18 18.27 14.50
CA LEU B 86 -27.53 18.87 13.35
C LEU B 86 -27.13 20.30 13.63
N ARG B 87 -25.96 20.70 13.13
CA ARG B 87 -25.47 22.06 13.26
C ARG B 87 -25.71 22.79 11.93
N ALA B 88 -25.20 24.02 11.83
CA ALA B 88 -25.23 24.78 10.59
C ALA B 88 -24.11 24.40 9.64
N GLU B 89 -23.10 23.68 10.11
CA GLU B 89 -21.94 23.34 9.32
C GLU B 89 -22.07 22.00 8.59
N ASP B 90 -23.22 21.34 8.70
CA ASP B 90 -23.46 20.07 8.04
C ASP B 90 -24.25 20.22 6.75
N THR B 91 -24.42 21.46 6.26
CA THR B 91 -24.95 21.68 4.92
C THR B 91 -24.01 21.05 3.91
N ALA B 92 -24.49 20.09 3.14
CA ALA B 92 -23.63 19.42 2.17
C ALA B 92 -24.47 18.42 1.39
N VAL B 93 -23.87 17.91 0.31
CA VAL B 93 -24.39 16.77 -0.43
C VAL B 93 -23.69 15.53 0.11
N TYR B 94 -24.47 14.55 0.54
CA TYR B 94 -23.96 13.34 1.16
C TYR B 94 -24.01 12.21 0.14
N TYR B 95 -22.87 11.53 -0.02
CA TYR B 95 -22.72 10.40 -0.93
C TYR B 95 -22.47 9.14 -0.12
N CYS B 96 -23.17 8.06 -0.46
CA CYS B 96 -22.84 6.74 0.07
C CYS B 96 -21.88 6.06 -0.89
N ALA B 97 -20.67 5.81 -0.42
CA ALA B 97 -19.60 5.27 -1.23
C ALA B 97 -19.30 3.83 -0.81
N ARG B 98 -19.14 2.96 -1.78
CA ARG B 98 -18.77 1.58 -1.50
C ARG B 98 -17.27 1.49 -1.21
N LYS B 99 -16.90 0.53 -0.38
CA LYS B 99 -15.52 0.26 -0.05
C LYS B 99 -15.08 -1.04 -0.73
N ASP B 100 -13.87 -1.02 -1.28
CA ASP B 100 -13.40 -2.12 -2.12
C ASP B 100 -13.45 -3.45 -1.37
N TYR B 101 -13.34 -4.53 -2.14
CA TYR B 101 -13.37 -5.89 -1.60
C TYR B 101 -11.95 -6.28 -1.18
N SER B 102 -11.46 -5.58 -0.16
CA SER B 102 -10.07 -5.68 0.24
C SER B 102 -9.83 -6.42 1.54
N LYS B 103 -10.78 -6.37 2.48
CA LYS B 103 -10.67 -7.10 3.74
C LYS B 103 -9.59 -6.50 4.65
N THR B 104 -8.87 -5.50 4.17
CA THR B 104 -7.79 -4.88 4.90
C THR B 104 -8.19 -3.46 5.30
N TYR B 105 -7.70 -3.04 6.47
CA TYR B 105 -8.11 -1.78 7.07
C TYR B 105 -7.31 -0.58 6.60
N TYR B 106 -6.29 -0.78 5.75
CA TYR B 106 -5.32 0.27 5.49
C TYR B 106 -5.13 0.61 4.01
N GLY B 107 -5.91 0.02 3.11
CA GLY B 107 -5.67 0.25 1.71
C GLY B 107 -6.93 0.40 0.88
N TYR B 108 -7.99 0.90 1.48
CA TYR B 108 -9.29 0.88 0.83
C TYR B 108 -9.52 2.15 0.02
N TYR B 109 -10.36 2.01 -1.02
CA TYR B 109 -10.73 3.11 -1.89
C TYR B 109 -12.22 3.02 -2.16
N PHE B 110 -12.81 4.14 -2.55
CA PHE B 110 -14.25 4.23 -2.81
C PHE B 110 -14.47 4.00 -4.29
N ASP B 111 -14.73 2.74 -4.66
CA ASP B 111 -14.83 2.40 -6.08
C ASP B 111 -16.14 2.88 -6.69
N TYR B 112 -17.26 2.71 -6.00
CA TYR B 112 -18.57 3.06 -6.54
C TYR B 112 -19.25 4.04 -5.61
N TRP B 113 -19.62 5.19 -6.15
CA TRP B 113 -20.32 6.23 -5.41
C TRP B 113 -21.79 6.25 -5.80
N GLY B 114 -22.55 7.03 -5.06
CA GLY B 114 -23.96 7.20 -5.35
C GLY B 114 -24.20 8.42 -6.22
N GLN B 115 -25.29 9.14 -5.95
CA GLN B 115 -25.60 10.38 -6.66
C GLN B 115 -25.60 11.60 -5.77
N GLY B 116 -25.78 11.43 -4.46
CA GLY B 116 -25.71 12.55 -3.55
C GLY B 116 -27.06 13.09 -3.15
N THR B 117 -27.25 13.38 -1.87
CA THR B 117 -28.48 13.99 -1.39
C THR B 117 -28.13 15.22 -0.59
N LEU B 118 -28.79 16.33 -0.89
CA LEU B 118 -28.49 17.61 -0.25
C LEU B 118 -29.22 17.70 1.08
N VAL B 119 -28.50 18.12 2.11
CA VAL B 119 -29.05 18.26 3.46
C VAL B 119 -28.75 19.67 3.92
N THR B 120 -29.68 20.59 3.68
CA THR B 120 -29.57 21.96 4.17
C THR B 120 -30.08 22.02 5.60
N VAL B 121 -29.38 22.78 6.44
CA VAL B 121 -29.65 22.78 7.87
C VAL B 121 -30.09 24.15 8.38
N SER B 122 -29.66 25.24 7.76
CA SER B 122 -30.02 26.56 8.25
C SER B 122 -31.55 26.70 8.28
N SER B 123 -32.05 27.33 9.34
CA SER B 123 -33.49 27.47 9.53
C SER B 123 -34.08 28.43 8.52
N ASP C 1 -5.12 12.48 12.64
CA ASP C 1 -5.10 11.95 11.25
C ASP C 1 -4.01 12.65 10.45
N ILE C 2 -3.96 12.37 9.15
CA ILE C 2 -2.96 12.93 8.25
C ILE C 2 -3.59 14.08 7.48
N GLN C 3 -2.92 15.23 7.48
CA GLN C 3 -3.35 16.37 6.69
C GLN C 3 -2.80 16.26 5.28
N MET C 4 -3.63 16.58 4.30
CA MET C 4 -3.28 16.43 2.89
C MET C 4 -3.27 17.80 2.22
N THR C 5 -2.18 18.12 1.55
CA THR C 5 -2.04 19.36 0.81
C THR C 5 -1.90 19.03 -0.66
N GLN C 6 -2.80 19.55 -1.48
CA GLN C 6 -2.84 19.26 -2.91
C GLN C 6 -2.44 20.53 -3.65
N SER C 7 -1.44 20.43 -4.52
CA SER C 7 -0.92 21.57 -5.23
C SER C 7 -0.79 21.26 -6.72
N PRO C 8 -1.13 22.21 -7.59
CA PRO C 8 -1.70 23.53 -7.34
C PRO C 8 -3.19 23.45 -7.04
N SER C 9 -3.77 24.47 -6.42
CA SER C 9 -5.21 24.47 -6.19
C SER C 9 -5.99 24.59 -7.48
N SER C 10 -5.41 25.22 -8.51
CA SER C 10 -6.06 25.37 -9.79
C SER C 10 -5.00 25.43 -10.88
N LEU C 11 -5.28 24.79 -12.01
CA LEU C 11 -4.33 24.66 -13.10
C LEU C 11 -4.99 25.04 -14.42
N SER C 12 -4.27 25.79 -15.23
CA SER C 12 -4.73 26.18 -16.56
C SER C 12 -3.93 25.38 -17.58
N ALA C 13 -4.63 24.60 -18.40
CA ALA C 13 -3.98 23.77 -19.40
C ALA C 13 -4.87 23.67 -20.63
N SER C 14 -4.23 23.43 -21.77
CA SER C 14 -4.91 23.30 -23.06
C SER C 14 -4.89 21.84 -23.49
N VAL C 15 -5.65 21.55 -24.54
CA VAL C 15 -5.78 20.18 -25.02
C VAL C 15 -4.41 19.68 -25.47
N GLY C 16 -4.08 18.45 -25.08
CA GLY C 16 -2.80 17.86 -25.44
C GLY C 16 -1.64 18.28 -24.57
N ASP C 17 -1.89 19.05 -23.52
CA ASP C 17 -0.82 19.47 -22.64
C ASP C 17 -0.54 18.39 -21.60
N ARG C 18 0.48 18.62 -20.78
CA ARG C 18 0.83 17.73 -19.68
C ARG C 18 0.32 18.34 -18.38
N VAL C 19 -0.33 17.53 -17.55
CA VAL C 19 -0.84 17.98 -16.26
C VAL C 19 -0.22 17.12 -15.18
N THR C 20 0.20 17.76 -14.09
CA THR C 20 0.85 17.07 -12.97
C THR C 20 0.36 17.69 -11.67
N ILE C 21 -0.32 16.89 -10.85
CA ILE C 21 -0.92 17.35 -9.59
C ILE C 21 -0.24 16.61 -8.46
N THR C 22 0.29 17.34 -7.48
CA THR C 22 1.09 16.76 -6.42
C THR C 22 0.33 16.79 -5.10
N CYS C 23 0.25 15.64 -4.45
CA CYS C 23 -0.42 15.49 -3.16
C CYS C 23 0.63 15.15 -2.12
N ARG C 24 0.71 15.95 -1.06
CA ARG C 24 1.71 15.79 -0.02
C ARG C 24 1.04 15.55 1.32
N ALA C 25 1.60 14.63 2.09
CA ALA C 25 1.04 14.18 3.34
C ALA C 25 1.89 14.66 4.52
N SER C 26 1.21 15.05 5.59
CA SER C 26 1.93 15.47 6.79
C SER C 26 2.71 14.32 7.40
N GLN C 27 2.23 13.10 7.21
CA GLN C 27 2.87 11.90 7.74
C GLN C 27 2.96 10.88 6.62
N SER C 28 3.95 10.00 6.72
CA SER C 28 4.11 8.97 5.71
C SER C 28 2.88 8.09 5.64
N ILE C 29 2.36 7.90 4.42
CA ILE C 29 1.22 7.03 4.18
C ILE C 29 1.57 5.86 3.28
N HIS C 30 2.85 5.65 3.00
CA HIS C 30 3.33 4.50 2.23
C HIS C 30 2.73 4.62 0.82
N SER C 31 2.11 3.56 0.29
CA SER C 31 1.58 3.60 -1.06
C SER C 31 0.07 3.49 -1.03
N PHE C 32 -0.55 4.21 -0.10
CA PHE C 32 -1.98 4.13 0.16
C PHE C 32 -2.68 5.43 -0.19
N LEU C 33 -2.36 6.00 -1.35
CA LEU C 33 -3.01 7.20 -1.84
C LEU C 33 -3.87 6.86 -3.06
N ASN C 34 -5.07 7.40 -3.08
CA ASN C 34 -6.03 7.20 -4.16
C ASN C 34 -6.40 8.54 -4.76
N TRP C 35 -6.65 8.53 -6.06
CA TRP C 35 -7.00 9.73 -6.81
C TRP C 35 -8.39 9.58 -7.39
N TYR C 36 -9.25 10.56 -7.13
CA TYR C 36 -10.63 10.61 -7.59
C TYR C 36 -10.82 11.81 -8.49
N GLN C 37 -11.71 11.67 -9.48
CA GLN C 37 -12.08 12.76 -10.37
C GLN C 37 -13.56 13.09 -10.15
N GLN C 38 -13.86 14.38 -10.08
CA GLN C 38 -15.23 14.85 -9.91
C GLN C 38 -15.47 16.01 -10.87
N LYS C 39 -16.35 15.80 -11.83
CA LYS C 39 -16.83 16.89 -12.64
C LYS C 39 -17.90 17.66 -11.87
N PRO C 40 -18.14 18.93 -12.20
CA PRO C 40 -19.05 19.74 -11.40
C PRO C 40 -20.43 19.09 -11.31
N GLY C 41 -20.97 19.06 -10.09
CA GLY C 41 -22.31 18.52 -9.88
C GLY C 41 -22.47 17.08 -10.28
N LYS C 42 -21.46 16.25 -10.06
CA LYS C 42 -21.51 14.83 -10.36
C LYS C 42 -20.77 14.07 -9.27
N PRO C 43 -21.08 12.79 -9.06
CA PRO C 43 -20.37 12.02 -8.05
C PRO C 43 -18.92 11.83 -8.44
N PRO C 44 -18.01 11.80 -7.46
CA PRO C 44 -16.61 11.52 -7.79
C PRO C 44 -16.43 10.14 -8.39
N ASN C 45 -15.43 10.02 -9.27
CA ASN C 45 -15.11 8.78 -9.95
C ASN C 45 -13.68 8.37 -9.58
N LEU C 46 -13.51 7.09 -9.27
CA LEU C 46 -12.19 6.60 -8.90
C LEU C 46 -11.27 6.56 -10.11
N LEU C 47 -10.06 7.09 -9.94
CA LEU C 47 -9.03 7.05 -10.98
C LEU C 47 -7.90 6.11 -10.60
N ILE C 48 -7.25 6.35 -9.46
CA ILE C 48 -6.07 5.60 -9.06
C ILE C 48 -6.30 5.06 -7.66
N TYR C 49 -5.87 3.82 -7.43
CA TYR C 49 -5.77 3.28 -6.09
C TYR C 49 -4.38 2.69 -5.90
N ALA C 50 -3.91 2.69 -4.66
CA ALA C 50 -2.56 2.27 -4.31
C ALA C 50 -1.50 3.20 -4.88
N ALA C 51 -1.91 4.38 -5.36
CA ALA C 51 -1.01 5.43 -5.82
C ALA C 51 -0.41 5.13 -7.19
N SER C 52 -0.58 3.92 -7.69
CA SER C 52 -0.04 3.55 -8.99
C SER C 52 -0.99 2.74 -9.85
N SER C 53 -2.07 2.20 -9.31
CA SER C 53 -2.93 1.27 -10.04
C SER C 53 -4.12 2.03 -10.62
N LEU C 54 -4.34 1.84 -11.92
CA LEU C 54 -5.44 2.50 -12.60
C LEU C 54 -6.69 1.64 -12.52
N GLN C 55 -7.80 2.24 -12.10
CA GLN C 55 -9.04 1.49 -11.97
C GLN C 55 -9.45 0.92 -13.33
N SER C 56 -9.92 -0.32 -13.31
CA SER C 56 -10.20 -1.03 -14.56
C SER C 56 -11.22 -0.25 -15.39
N GLY C 57 -10.92 -0.12 -16.68
CA GLY C 57 -11.82 0.48 -17.64
C GLY C 57 -11.56 1.95 -17.92
N LEU C 58 -10.81 2.62 -17.07
CA LEU C 58 -10.58 4.04 -17.29
C LEU C 58 -9.46 4.26 -18.31
N PRO C 59 -9.44 5.42 -18.96
CA PRO C 59 -8.41 5.67 -19.98
C PRO C 59 -7.01 5.55 -19.40
N SER C 60 -6.10 4.99 -20.20
CA SER C 60 -4.75 4.71 -19.74
C SER C 60 -3.88 5.96 -19.66
N ARG C 61 -4.37 7.11 -20.14
CA ARG C 61 -3.56 8.32 -20.09
C ARG C 61 -3.19 8.72 -18.67
N PHE C 62 -4.04 8.42 -17.70
CA PHE C 62 -3.76 8.75 -16.31
C PHE C 62 -2.67 7.85 -15.74
N SER C 63 -1.85 8.43 -14.88
CA SER C 63 -0.82 7.65 -14.21
C SER C 63 -0.56 8.24 -12.83
N GLY C 64 -0.02 7.41 -11.94
CA GLY C 64 0.31 7.83 -10.60
C GLY C 64 1.73 7.43 -10.25
N SER C 65 2.31 8.15 -9.30
CA SER C 65 3.69 7.89 -8.91
C SER C 65 3.97 8.57 -7.59
N GLY C 66 4.49 7.83 -6.62
CA GLY C 66 4.86 8.40 -5.35
C GLY C 66 5.02 7.32 -4.30
N SER C 67 5.58 7.74 -3.17
CA SER C 67 5.77 6.83 -2.04
C SER C 67 6.10 7.64 -0.80
N GLY C 68 5.48 7.28 0.31
CA GLY C 68 5.76 7.91 1.58
C GLY C 68 5.01 9.19 1.85
N THR C 69 5.45 10.29 1.27
CA THR C 69 4.87 11.59 1.56
C THR C 69 4.45 12.36 0.32
N ASP C 70 5.22 12.26 -0.76
CA ASP C 70 4.94 12.99 -1.99
C ASP C 70 4.36 12.05 -3.03
N PHE C 71 3.27 12.46 -3.66
CA PHE C 71 2.61 11.68 -4.69
C PHE C 71 2.26 12.58 -5.86
N THR C 72 2.14 11.98 -7.04
CA THR C 72 1.92 12.75 -8.25
C THR C 72 0.91 12.01 -9.12
N LEU C 73 -0.05 12.77 -9.67
CA LEU C 73 -0.97 12.27 -10.68
C LEU C 73 -0.66 12.99 -11.99
N THR C 74 -0.36 12.22 -13.02
CA THR C 74 0.07 12.73 -14.31
C THR C 74 -0.98 12.42 -15.36
N ILE C 75 -1.41 13.45 -16.08
CA ILE C 75 -2.27 13.32 -17.25
C ILE C 75 -1.40 13.67 -18.44
N SER C 76 -1.13 12.68 -19.28
CA SER C 76 -0.24 12.87 -20.42
C SER C 76 -0.90 13.74 -21.49
N SER C 77 -2.13 13.44 -21.86
CA SER C 77 -2.85 14.17 -22.89
C SER C 77 -4.19 14.62 -22.32
N LEU C 78 -4.28 15.89 -21.96
CA LEU C 78 -5.48 16.43 -21.32
C LEU C 78 -6.57 16.61 -22.37
N GLN C 79 -7.48 15.66 -22.44
CA GLN C 79 -8.57 15.71 -23.40
C GLN C 79 -9.72 16.56 -22.86
N PRO C 80 -10.66 16.94 -23.73
CA PRO C 80 -11.76 17.80 -23.27
C PRO C 80 -12.59 17.20 -22.15
N GLU C 81 -12.60 15.88 -22.02
CA GLU C 81 -13.35 15.21 -20.96
C GLU C 81 -12.55 15.03 -19.68
N ASP C 82 -11.35 15.62 -19.60
CA ASP C 82 -10.47 15.49 -18.44
C ASP C 82 -10.43 16.76 -17.60
N PHE C 83 -11.38 17.67 -17.78
CA PHE C 83 -11.36 18.96 -17.08
C PHE C 83 -12.30 18.85 -15.89
N ALA C 84 -11.74 18.52 -14.73
CA ALA C 84 -12.53 18.27 -13.53
C ALA C 84 -11.65 18.51 -12.32
N THR C 85 -12.20 18.27 -11.13
CA THR C 85 -11.48 18.44 -9.89
C THR C 85 -10.94 17.11 -9.43
N TYR C 86 -9.66 17.06 -9.09
CA TYR C 86 -9.00 15.83 -8.71
C TYR C 86 -8.63 15.86 -7.24
N TYR C 87 -9.03 14.82 -6.51
CA TYR C 87 -8.83 14.73 -5.07
C TYR C 87 -7.92 13.56 -4.74
N CYS C 88 -7.07 13.74 -3.74
CA CYS C 88 -6.18 12.71 -3.24
C CYS C 88 -6.61 12.32 -1.84
N GLN C 89 -6.69 11.01 -1.58
CA GLN C 89 -7.21 10.48 -0.34
C GLN C 89 -6.25 9.43 0.20
N GLN C 90 -6.01 9.45 1.50
CA GLN C 90 -5.13 8.49 2.15
C GLN C 90 -5.94 7.46 2.91
N SER C 91 -5.57 6.19 2.73
CA SER C 91 -6.22 5.08 3.42
C SER C 91 -5.30 4.43 4.44
N TYR C 92 -4.16 5.03 4.74
CA TYR C 92 -3.23 4.43 5.70
C TYR C 92 -3.81 4.45 7.11
N ILE C 93 -4.41 5.58 7.50
CA ILE C 93 -4.97 5.76 8.84
C ILE C 93 -6.39 6.30 8.69
N THR C 94 -7.36 5.55 9.18
CA THR C 94 -8.71 6.08 9.31
C THR C 94 -8.71 7.18 10.37
N PRO C 95 -9.34 8.32 10.13
CA PRO C 95 -10.14 8.74 8.97
C PRO C 95 -9.37 8.91 7.66
N PRO C 96 -9.96 8.54 6.51
CA PRO C 96 -9.35 8.85 5.22
C PRO C 96 -9.60 10.31 4.85
N THR C 97 -8.54 11.09 4.77
CA THR C 97 -8.64 12.52 4.53
C THR C 97 -8.44 12.81 3.05
N PHE C 98 -9.35 13.57 2.48
CA PHE C 98 -9.23 14.03 1.10
C PHE C 98 -8.46 15.33 1.05
N GLY C 99 -7.66 15.49 0.01
CA GLY C 99 -7.05 16.77 -0.25
C GLY C 99 -8.09 17.80 -0.63
N HIS C 100 -7.71 19.07 -0.51
CA HIS C 100 -8.66 20.13 -0.80
C HIS C 100 -9.00 20.23 -2.27
N GLY C 101 -8.30 19.51 -3.14
CA GLY C 101 -8.70 19.38 -4.52
C GLY C 101 -7.96 20.34 -5.43
N THR C 102 -7.80 19.92 -6.69
CA THR C 102 -7.19 20.74 -7.72
C THR C 102 -8.11 20.80 -8.93
N LYS C 103 -8.46 22.00 -9.35
CA LYS C 103 -9.34 22.21 -10.49
C LYS C 103 -8.51 22.54 -11.72
N VAL C 104 -8.92 22.01 -12.86
CA VAL C 104 -8.19 22.17 -14.11
C VAL C 104 -9.01 23.08 -15.02
N GLU C 105 -8.45 24.24 -15.36
CA GLU C 105 -9.11 25.26 -16.16
C GLU C 105 -8.63 25.16 -17.60
N ILE C 106 -9.08 26.09 -18.44
CA ILE C 106 -8.64 26.17 -19.82
C ILE C 106 -7.50 27.18 -19.94
#